data_2L8H
#
_entry.id   2L8H
#
_cell.length_a   1.000
_cell.length_b   1.000
_cell.length_c   1.000
_cell.angle_alpha   90.00
_cell.angle_beta   90.00
_cell.angle_gamma   90.00
#
_symmetry.space_group_name_H-M   'P 1'
#
loop_
_entity.id
_entity.type
_entity.pdbx_description
1 polymer 'HIV TAR RNA'
2 non-polymer ARGININE
3 non-polymer 4-methoxynaphthalen-2-amine
#
_entity_poly.entity_id   1
_entity_poly.type   'polyribonucleotide'
_entity_poly.pdbx_seq_one_letter_code
;GGCAGAUCUGAGCCUGGGAGCUCUCUGCC
;
_entity_poly.pdbx_strand_id   A
#